data_1X7P
#
_entry.id   1X7P
#
_cell.length_a   76.881
_cell.length_b   76.881
_cell.length_c   209.818
_cell.angle_alpha   90.00
_cell.angle_beta   90.00
_cell.angle_gamma   90.00
#
_symmetry.space_group_name_H-M   'P 41 21 2'
#
loop_
_entity.id
_entity.type
_entity.pdbx_description
1 polymer 'rRNA methyltransferase'
2 non-polymer S-ADENOSYLMETHIONINE
3 water water
#
_entity_poly.entity_id   1
_entity_poly.type   'polypeptide(L)'
_entity_poly.pdbx_seq_one_letter_code
;MARSRGERTPAARRITSRNARFQQWQALLGNRNKRTRAGEFLVMGVRPISLAVEHGWPVRTLLYDGQRELSKWARELLRT
VRTEQIAMAPDLLMELGEKNEAPPEVVAVVEMPADDLDRIPVREDFLGVLFDRPTSPGNIGSIIRSADALGAHGLIVAGH
AADVYDPKSVRSSTGSLFSLPAVRVPSPGEVMDWVEARRAAGTPIVLVGTDEHGDCDVFDFDFTQPTLLLIGNETAGLSN
AWRTLCDYTVSIPMAGSASSLNAANAATAILYEAVRQRISGRTATTP
;
_entity_poly.pdbx_strand_id   A,B
#
loop_
_chem_comp.id
_chem_comp.type
_chem_comp.name
_chem_comp.formula
SAM non-polymer S-ADENOSYLMETHIONINE 'C15 H22 N6 O5 S'
#
# COMPACT_ATOMS: atom_id res chain seq x y z
N ARG A 18 -34.20 -6.41 0.95
CA ARG A 18 -35.52 -5.88 0.49
C ARG A 18 -35.69 -6.02 -1.03
N ASN A 19 -35.86 -4.89 -1.74
CA ASN A 19 -36.27 -4.87 -3.17
C ASN A 19 -35.45 -5.76 -4.08
N ALA A 20 -36.08 -6.24 -5.16
CA ALA A 20 -35.35 -6.92 -6.24
C ALA A 20 -34.32 -5.97 -6.85
N ARG A 21 -34.62 -4.67 -6.84
CA ARG A 21 -33.66 -3.65 -7.24
C ARG A 21 -32.45 -3.64 -6.31
N PHE A 22 -32.72 -3.68 -5.01
CA PHE A 22 -31.68 -3.75 -4.01
C PHE A 22 -30.75 -4.95 -4.21
N GLN A 23 -31.30 -6.11 -4.55
CA GLN A 23 -30.49 -7.33 -4.69
C GLN A 23 -29.55 -7.30 -5.88
N GLN A 24 -29.90 -6.54 -6.92
CA GLN A 24 -29.04 -6.36 -8.09
C GLN A 24 -27.87 -5.46 -7.74
N TRP A 25 -28.13 -4.38 -7.01
CA TRP A 25 -27.07 -3.49 -6.55
C TRP A 25 -26.12 -4.18 -5.56
N GLN A 26 -26.66 -5.00 -4.65
CA GLN A 26 -25.87 -5.71 -3.65
C GLN A 26 -24.93 -6.70 -4.30
N ALA A 27 -25.40 -7.30 -5.39
CA ALA A 27 -24.61 -8.28 -6.11
C ALA A 27 -23.47 -7.62 -6.87
N LEU A 28 -23.51 -6.29 -7.00
CA LEU A 28 -22.41 -5.54 -7.58
C LEU A 28 -21.19 -5.44 -6.66
N LEU A 29 -21.33 -5.83 -5.40
CA LEU A 29 -20.20 -5.86 -4.47
C LEU A 29 -19.34 -7.12 -4.63
N GLY A 30 -19.95 -8.27 -4.92
CA GLY A 30 -19.24 -9.53 -5.14
C GLY A 30 -18.53 -9.66 -6.49
N ASN A 31 -18.67 -10.77 -7.18
CA ASN A 31 -17.81 -11.05 -8.38
C ASN A 31 -17.76 -9.97 -9.52
N ARG A 32 -16.67 -10.01 -10.26
CA ARG A 32 -16.44 -9.07 -11.35
C ARG A 32 -17.37 -9.25 -12.56
N ASN A 33 -17.76 -10.48 -12.87
CA ASN A 33 -18.61 -10.72 -14.05
C ASN A 33 -19.96 -9.99 -13.95
N LYS A 34 -20.49 -9.87 -12.74
CA LYS A 34 -21.78 -9.23 -12.53
C LYS A 34 -21.74 -7.75 -12.87
N ARG A 35 -20.73 -7.06 -12.39
CA ARG A 35 -20.57 -5.65 -12.72
C ARG A 35 -20.36 -5.45 -14.21
N THR A 36 -19.65 -6.38 -14.83
CA THR A 36 -19.28 -6.22 -16.23
C THR A 36 -20.51 -6.34 -17.11
N ARG A 37 -21.32 -7.37 -16.86
CA ARG A 37 -22.53 -7.63 -17.65
C ARG A 37 -23.64 -6.59 -17.43
N ALA A 38 -23.76 -6.08 -16.20
CA ALA A 38 -24.66 -4.97 -15.88
C ALA A 38 -24.09 -3.65 -16.38
N GLY A 39 -22.78 -3.61 -16.60
CA GLY A 39 -22.09 -2.43 -17.05
C GLY A 39 -22.04 -1.29 -16.05
N GLU A 40 -21.94 -1.64 -14.75
CA GLU A 40 -22.01 -0.65 -13.67
C GLU A 40 -21.29 -1.14 -12.44
N PHE A 41 -20.92 -0.21 -11.57
CA PHE A 41 -20.35 -0.49 -10.24
C PHE A 41 -20.73 0.61 -9.22
N LEU A 42 -20.47 0.33 -7.94
CA LEU A 42 -20.86 1.19 -6.85
C LEU A 42 -19.70 2.14 -6.47
N VAL A 43 -20.00 3.44 -6.37
CA VAL A 43 -19.05 4.41 -5.84
C VAL A 43 -19.60 4.97 -4.53
N MET A 44 -18.80 4.88 -3.47
CA MET A 44 -19.28 5.19 -2.14
C MET A 44 -18.60 6.44 -1.57
N GLY A 45 -19.41 7.45 -1.24
CA GLY A 45 -18.94 8.68 -0.65
C GLY A 45 -19.10 9.90 -1.56
N VAL A 46 -19.51 11.00 -0.96
CA VAL A 46 -19.67 12.28 -1.66
C VAL A 46 -18.47 12.71 -2.51
N ARG A 47 -17.26 12.50 -1.99
CA ARG A 47 -16.06 12.95 -2.67
C ARG A 47 -15.75 12.17 -3.93
N PRO A 48 -15.61 10.83 -3.86
CA PRO A 48 -15.40 10.05 -5.08
C PRO A 48 -16.55 10.17 -6.08
N ILE A 49 -17.79 10.29 -5.62
CA ILE A 49 -18.90 10.51 -6.54
C ILE A 49 -18.73 11.87 -7.24
N SER A 50 -18.17 12.84 -6.55
CA SER A 50 -17.94 14.17 -7.15
C SER A 50 -16.96 14.10 -8.31
N LEU A 51 -15.87 13.37 -8.10
CA LEU A 51 -14.81 13.24 -9.08
C LEU A 51 -15.31 12.42 -10.28
N ALA A 52 -16.23 11.50 -10.05
CA ALA A 52 -16.85 10.81 -11.16
C ALA A 52 -17.67 11.79 -12.02
N VAL A 53 -18.46 12.66 -11.37
CA VAL A 53 -19.27 13.60 -12.12
C VAL A 53 -18.38 14.61 -12.85
N GLU A 54 -17.29 15.03 -12.22
CA GLU A 54 -16.36 16.04 -12.76
C GLU A 54 -15.60 15.56 -14.01
N HIS A 55 -15.15 14.30 -13.98
CA HIS A 55 -14.48 13.67 -15.11
C HIS A 55 -15.43 12.92 -16.07
N GLY A 56 -16.73 13.18 -15.95
CA GLY A 56 -17.71 12.73 -16.93
C GLY A 56 -18.14 11.27 -16.92
N TRP A 57 -18.08 10.59 -15.78
CA TRP A 57 -18.57 9.22 -15.74
C TRP A 57 -20.11 9.26 -15.63
N PRO A 58 -20.86 8.60 -16.51
CA PRO A 58 -22.31 8.60 -16.41
C PRO A 58 -22.76 8.00 -15.09
N VAL A 59 -23.66 8.71 -14.40
CA VAL A 59 -24.24 8.21 -13.17
C VAL A 59 -25.68 7.79 -13.48
N ARG A 60 -25.97 6.52 -13.23
CA ARG A 60 -27.28 5.93 -13.51
C ARG A 60 -28.28 6.14 -12.40
N THR A 61 -27.79 6.08 -11.15
CA THR A 61 -28.64 6.20 -9.97
C THR A 61 -27.83 6.79 -8.84
N LEU A 62 -28.46 7.61 -8.01
CA LEU A 62 -27.82 8.20 -6.85
C LEU A 62 -28.64 7.83 -5.61
N LEU A 63 -28.11 6.97 -4.74
CA LEU A 63 -28.83 6.54 -3.54
C LEU A 63 -28.46 7.44 -2.37
N TYR A 64 -29.38 7.70 -1.45
CA TYR A 64 -29.05 8.54 -0.31
C TYR A 64 -29.81 8.15 0.94
N ASP A 65 -29.44 8.74 2.06
CA ASP A 65 -30.04 8.40 3.34
C ASP A 65 -31.46 8.95 3.40
N GLY A 66 -32.40 8.11 3.82
CA GLY A 66 -33.81 8.45 3.86
C GLY A 66 -34.34 8.95 5.20
N GLN A 67 -33.68 8.61 6.29
CA GLN A 67 -33.91 9.21 7.61
C GLN A 67 -32.77 10.19 7.87
N ARG A 68 -32.91 11.41 7.35
CA ARG A 68 -31.75 12.17 6.86
C ARG A 68 -31.04 13.07 7.86
N GLU A 69 -29.78 12.75 8.07
CA GLU A 69 -28.79 13.74 8.49
C GLU A 69 -28.64 14.76 7.35
N LEU A 70 -28.30 14.26 6.17
CA LEU A 70 -27.88 15.00 4.97
C LEU A 70 -27.03 16.27 5.19
N SER A 71 -25.75 16.12 4.89
CA SER A 71 -24.77 17.19 4.94
C SER A 71 -24.95 18.13 3.75
N LYS A 72 -24.26 19.27 3.81
CA LYS A 72 -24.31 20.24 2.72
C LYS A 72 -23.85 19.61 1.40
N TRP A 73 -22.74 18.89 1.44
CA TRP A 73 -22.17 18.28 0.24
C TRP A 73 -23.16 17.30 -0.41
N ALA A 74 -23.77 16.44 0.39
CA ALA A 74 -24.75 15.49 -0.13
C ALA A 74 -25.87 16.24 -0.81
N ARG A 75 -26.31 17.31 -0.16
CA ARG A 75 -27.45 18.09 -0.62
C ARG A 75 -27.13 18.77 -1.93
N GLU A 76 -25.89 19.24 -2.09
CA GLU A 76 -25.47 19.87 -3.34
C GLU A 76 -25.43 18.85 -4.48
N LEU A 77 -24.96 17.64 -4.20
CA LEU A 77 -24.96 16.57 -5.20
C LEU A 77 -26.38 16.32 -5.71
N LEU A 78 -27.31 16.10 -4.77
CA LEU A 78 -28.69 15.76 -5.12
C LEU A 78 -29.32 16.78 -6.07
N ARG A 79 -29.05 18.07 -5.88
CA ARG A 79 -29.64 19.10 -6.72
C ARG A 79 -28.79 19.50 -7.94
N THR A 80 -27.64 18.89 -8.11
CA THR A 80 -26.70 19.25 -9.18
C THR A 80 -26.52 18.12 -10.22
N VAL A 81 -26.58 16.88 -9.76
CA VAL A 81 -26.49 15.72 -10.62
C VAL A 81 -27.89 15.35 -11.16
N ARG A 82 -28.00 15.36 -12.49
CA ARG A 82 -29.27 15.13 -13.18
C ARG A 82 -29.39 13.64 -13.51
N THR A 83 -30.00 12.90 -12.58
CA THR A 83 -30.04 11.44 -12.61
C THR A 83 -31.16 10.92 -11.72
N GLU A 84 -31.37 9.61 -11.72
CA GLU A 84 -32.41 9.02 -10.89
C GLU A 84 -31.95 9.06 -9.42
N GLN A 85 -32.87 9.38 -8.52
CA GLN A 85 -32.52 9.67 -7.12
C GLN A 85 -33.46 9.00 -6.14
N ILE A 86 -32.93 8.07 -5.35
CA ILE A 86 -33.71 7.23 -4.46
C ILE A 86 -33.32 7.41 -2.99
N ALA A 87 -34.30 7.73 -2.17
CA ALA A 87 -34.14 7.66 -0.72
C ALA A 87 -34.17 6.20 -0.32
N MET A 88 -33.25 5.82 0.55
CA MET A 88 -33.13 4.43 1.01
C MET A 88 -32.95 4.46 2.52
N ALA A 89 -33.46 3.45 3.21
CA ALA A 89 -33.30 3.33 4.67
C ALA A 89 -31.83 3.06 5.07
N PRO A 90 -31.35 3.63 6.17
CA PRO A 90 -29.93 3.53 6.54
C PRO A 90 -29.37 2.12 6.54
N ASP A 91 -30.14 1.18 7.11
CA ASP A 91 -29.78 -0.24 7.13
C ASP A 91 -29.40 -0.80 5.76
N LEU A 92 -30.28 -0.61 4.77
CA LEU A 92 -29.99 -1.03 3.40
C LEU A 92 -28.67 -0.41 2.90
N LEU A 93 -28.48 0.87 3.22
CA LEU A 93 -27.33 1.63 2.74
C LEU A 93 -25.98 1.15 3.30
N MET A 94 -25.99 0.44 4.43
CA MET A 94 -24.83 -0.36 4.85
C MET A 94 -24.80 -1.62 3.96
N GLU A 95 -24.54 -1.44 2.67
CA GLU A 95 -24.39 -2.55 1.75
C GLU A 95 -22.97 -2.95 1.94
N LEU A 96 -22.11 -2.04 1.63
CA LEU A 96 -20.72 -2.08 2.01
C LEU A 96 -20.28 -0.66 2.40
N GLY A 97 -19.42 -0.61 3.40
CA GLY A 97 -18.55 0.52 3.63
C GLY A 97 -17.27 -0.16 4.04
N GLU A 98 -17.25 -0.61 5.29
CA GLU A 98 -16.16 -1.47 5.80
C GLU A 98 -16.68 -2.33 6.98
N LYS A 99 -17.98 -2.66 6.92
CA LYS A 99 -18.80 -3.05 8.09
C LYS A 99 -18.15 -2.77 9.46
N ASN A 100 -17.55 -1.57 9.57
CA ASN A 100 -16.70 -1.21 10.72
C ASN A 100 -16.24 0.24 10.68
N GLU A 101 -16.02 0.75 9.45
CA GLU A 101 -15.57 2.12 9.25
C GLU A 101 -16.45 2.84 8.22
N ALA A 102 -17.36 3.69 8.57
CA ALA A 102 -18.04 4.63 7.66
C ALA A 102 -19.27 4.07 6.92
N PRO A 103 -20.46 4.32 7.48
CA PRO A 103 -21.69 4.26 6.67
C PRO A 103 -21.81 5.50 5.77
N PRO A 104 -21.90 5.34 4.45
CA PRO A 104 -21.97 6.49 3.54
C PRO A 104 -23.40 7.02 3.43
N GLU A 105 -23.55 8.34 3.40
CA GLU A 105 -24.87 8.91 3.22
C GLU A 105 -25.28 8.98 1.75
N VAL A 106 -24.32 8.81 0.84
CA VAL A 106 -24.62 8.73 -0.60
C VAL A 106 -23.80 7.64 -1.31
N VAL A 107 -24.44 6.93 -2.25
CA VAL A 107 -23.79 5.88 -3.00
C VAL A 107 -24.28 5.92 -4.42
N ALA A 108 -23.39 6.08 -5.39
CA ALA A 108 -23.78 6.17 -6.80
C ALA A 108 -23.57 4.86 -7.58
N VAL A 109 -24.47 4.61 -8.54
CA VAL A 109 -24.38 3.50 -9.45
C VAL A 109 -23.78 4.14 -10.69
N VAL A 110 -22.49 3.91 -10.90
CA VAL A 110 -21.77 4.51 -12.02
C VAL A 110 -21.56 3.50 -13.16
N GLU A 111 -21.65 3.99 -14.41
CA GLU A 111 -21.43 3.18 -15.61
C GLU A 111 -19.96 2.88 -15.78
N MET A 112 -19.66 1.60 -16.04
CA MET A 112 -18.30 1.11 -16.28
C MET A 112 -17.94 1.29 -17.76
N PRO A 113 -16.86 2.01 -18.07
CA PRO A 113 -16.45 2.18 -19.47
C PRO A 113 -15.93 0.89 -20.08
N ALA A 114 -15.96 0.82 -21.42
CA ALA A 114 -15.46 -0.32 -22.18
C ALA A 114 -13.99 -0.53 -21.94
N ASP A 115 -13.54 -1.79 -22.02
CA ASP A 115 -12.14 -2.14 -21.90
C ASP A 115 -11.38 -2.01 -23.21
N ASP A 116 -11.20 -0.76 -23.63
CA ASP A 116 -10.59 -0.38 -24.88
C ASP A 116 -9.30 0.37 -24.59
N LEU A 117 -8.17 -0.19 -25.03
CA LEU A 117 -6.85 0.38 -24.77
C LEU A 117 -6.66 1.78 -25.37
N ASP A 118 -7.46 2.15 -26.37
CA ASP A 118 -7.38 3.46 -27.02
C ASP A 118 -7.77 4.60 -26.10
N ARG A 119 -8.38 4.26 -24.96
CA ARG A 119 -8.64 5.18 -23.84
C ARG A 119 -7.38 5.71 -23.16
N ILE A 120 -6.26 5.00 -23.32
CA ILE A 120 -4.98 5.46 -22.84
C ILE A 120 -4.26 6.24 -23.93
N PRO A 121 -4.02 7.54 -23.71
CA PRO A 121 -3.42 8.36 -24.76
C PRO A 121 -1.97 8.03 -24.81
N VAL A 122 -1.42 8.14 -26.00
CA VAL A 122 -0.06 7.74 -26.25
C VAL A 122 0.62 8.88 -26.95
N ARG A 123 1.60 9.46 -26.28
CA ARG A 123 2.37 10.54 -26.84
C ARG A 123 3.85 10.15 -26.78
N GLU A 124 4.67 11.04 -27.29
CA GLU A 124 6.13 10.89 -27.34
C GLU A 124 6.80 10.68 -25.96
N ASP A 125 6.12 11.10 -24.89
CA ASP A 125 6.61 10.96 -23.54
C ASP A 125 5.70 10.04 -22.75
N PHE A 126 5.12 9.06 -23.43
CA PHE A 126 4.27 8.03 -22.81
C PHE A 126 4.90 7.44 -21.55
N LEU A 127 4.09 7.26 -20.52
CA LEU A 127 4.49 6.54 -19.31
C LEU A 127 3.27 5.79 -18.83
N GLY A 128 3.32 4.47 -18.91
CA GLY A 128 2.20 3.63 -18.57
C GLY A 128 2.62 2.51 -17.65
N VAL A 129 1.65 1.85 -17.05
CA VAL A 129 1.91 0.78 -16.10
C VAL A 129 0.98 -0.39 -16.42
N LEU A 130 1.52 -1.59 -16.35
CA LEU A 130 0.74 -2.83 -16.47
C LEU A 130 0.91 -3.60 -15.19
N PHE A 131 -0.20 -4.09 -14.63
CA PHE A 131 -0.18 -4.82 -13.37
C PHE A 131 -0.68 -6.22 -13.72
N ASP A 132 0.17 -7.22 -13.51
CA ASP A 132 -0.02 -8.53 -14.04
C ASP A 132 -0.67 -9.46 -13.03
N ARG A 133 -1.97 -9.72 -13.25
CA ARG A 133 -2.75 -10.67 -12.44
C ARG A 133 -2.68 -10.43 -10.94
N PRO A 134 -3.02 -9.22 -10.47
CA PRO A 134 -3.02 -8.90 -9.05
C PRO A 134 -3.92 -9.80 -8.23
N THR A 135 -3.38 -10.26 -7.10
CA THR A 135 -4.16 -10.94 -6.07
C THR A 135 -5.00 -9.97 -5.28
N SER A 136 -4.47 -8.79 -4.98
CA SER A 136 -5.13 -7.92 -4.03
C SER A 136 -5.70 -6.68 -4.71
N PRO A 137 -7.01 -6.48 -4.63
CA PRO A 137 -7.65 -5.31 -5.25
C PRO A 137 -7.16 -3.99 -4.68
N GLY A 138 -6.84 -3.95 -3.38
CA GLY A 138 -6.32 -2.74 -2.77
C GLY A 138 -5.04 -2.27 -3.47
N ASN A 139 -4.19 -3.21 -3.87
CA ASN A 139 -2.96 -2.89 -4.58
C ASN A 139 -3.25 -2.19 -5.91
N ILE A 140 -4.30 -2.59 -6.61
CA ILE A 140 -4.66 -1.95 -7.89
C ILE A 140 -4.96 -0.47 -7.71
N GLY A 141 -5.88 -0.18 -6.79
CA GLY A 141 -6.27 1.19 -6.47
C GLY A 141 -5.11 2.03 -6.05
N SER A 142 -4.25 1.50 -5.18
CA SER A 142 -3.00 2.16 -4.77
C SER A 142 -2.12 2.51 -5.96
N ILE A 143 -1.96 1.58 -6.91
CA ILE A 143 -1.21 1.89 -8.12
C ILE A 143 -1.92 2.96 -8.95
N ILE A 144 -3.24 2.88 -9.02
CA ILE A 144 -4.01 3.89 -9.73
C ILE A 144 -3.72 5.28 -9.14
N ARG A 145 -3.72 5.36 -7.81
CA ARG A 145 -3.50 6.61 -7.09
C ARG A 145 -2.08 7.15 -7.26
N SER A 146 -1.07 6.28 -7.24
CA SER A 146 0.31 6.72 -7.42
C SER A 146 0.59 7.11 -8.87
N ALA A 147 0.11 6.32 -9.82
CA ALA A 147 0.29 6.61 -11.27
C ALA A 147 -0.33 7.95 -11.63
N ASP A 148 -1.52 8.18 -11.10
CA ASP A 148 -2.25 9.44 -11.24
C ASP A 148 -1.40 10.60 -10.73
N ALA A 149 -1.00 10.50 -9.47
CA ALA A 149 -0.22 11.52 -8.81
C ALA A 149 1.18 11.74 -9.37
N LEU A 150 1.75 10.77 -10.08
CA LEU A 150 3.13 10.95 -10.56
C LEU A 150 3.19 11.17 -12.07
N GLY A 151 2.04 11.41 -12.73
CA GLY A 151 2.03 11.71 -14.15
C GLY A 151 2.02 10.56 -15.15
N ALA A 152 1.86 9.31 -14.71
CA ALA A 152 1.61 8.21 -15.65
C ALA A 152 0.32 8.49 -16.46
N HIS A 153 0.22 7.96 -17.68
CA HIS A 153 -0.91 8.22 -18.60
C HIS A 153 -2.01 7.16 -18.60
N GLY A 154 -1.73 5.97 -18.09
CA GLY A 154 -2.73 4.92 -17.95
C GLY A 154 -2.28 3.69 -17.19
N LEU A 155 -3.24 2.89 -16.75
CA LEU A 155 -2.99 1.60 -16.11
C LEU A 155 -3.67 0.52 -16.91
N ILE A 156 -2.95 -0.58 -17.17
CA ILE A 156 -3.54 -1.79 -17.67
C ILE A 156 -3.43 -2.84 -16.55
N VAL A 157 -4.53 -3.58 -16.34
CA VAL A 157 -4.55 -4.72 -15.43
C VAL A 157 -4.88 -6.00 -16.19
N ALA A 158 -3.92 -6.91 -16.26
CA ALA A 158 -4.11 -8.18 -16.98
C ALA A 158 -4.68 -9.30 -16.11
N GLY A 159 -5.32 -10.28 -16.76
CA GLY A 159 -5.87 -11.46 -16.08
C GLY A 159 -7.30 -11.37 -15.58
N HIS A 160 -7.81 -12.48 -15.05
CA HIS A 160 -9.08 -12.54 -14.33
C HIS A 160 -8.84 -12.91 -12.87
N ALA A 161 -7.99 -12.11 -12.23
CA ALA A 161 -7.78 -12.17 -10.80
C ALA A 161 -8.50 -10.97 -10.14
N ALA A 162 -7.79 -10.07 -9.50
CA ALA A 162 -8.41 -8.96 -8.82
C ALA A 162 -8.85 -7.93 -9.85
N ASP A 163 -9.91 -7.19 -9.51
CA ASP A 163 -10.64 -6.40 -10.48
C ASP A 163 -10.56 -4.93 -10.12
N VAL A 164 -10.21 -4.12 -11.13
CA VAL A 164 -10.19 -2.67 -11.06
C VAL A 164 -11.40 -2.08 -10.35
N TYR A 165 -12.59 -2.63 -10.61
CA TYR A 165 -13.87 -2.13 -10.08
C TYR A 165 -14.39 -2.81 -8.81
N ASP A 166 -13.57 -3.66 -8.19
CA ASP A 166 -13.77 -4.17 -6.82
C ASP A 166 -13.88 -2.92 -5.91
N PRO A 167 -14.83 -2.88 -4.99
CA PRO A 167 -14.92 -1.79 -4.02
C PRO A 167 -13.61 -1.44 -3.31
N LYS A 168 -12.79 -2.43 -3.00
CA LYS A 168 -11.52 -2.17 -2.31
C LYS A 168 -10.59 -1.39 -3.23
N SER A 169 -10.63 -1.67 -4.53
CA SER A 169 -9.77 -0.97 -5.51
C SER A 169 -10.21 0.46 -5.69
N VAL A 170 -11.51 0.66 -5.85
CA VAL A 170 -12.12 1.97 -5.99
C VAL A 170 -11.83 2.82 -4.77
N ARG A 171 -12.09 2.29 -3.59
CA ARG A 171 -11.86 2.99 -2.31
C ARG A 171 -10.41 3.39 -2.16
N SER A 172 -9.55 2.46 -2.53
CA SER A 172 -8.12 2.59 -2.36
C SER A 172 -7.50 3.64 -3.32
N SER A 173 -8.05 3.77 -4.54
CA SER A 173 -7.60 4.79 -5.49
C SER A 173 -7.88 6.22 -5.03
N THR A 174 -8.69 6.36 -3.97
CA THR A 174 -9.08 7.65 -3.42
C THR A 174 -9.48 8.65 -4.51
N GLY A 175 -10.37 8.24 -5.40
CA GLY A 175 -10.85 9.11 -6.46
C GLY A 175 -10.07 9.08 -7.76
N SER A 176 -8.84 8.57 -7.75
CA SER A 176 -7.95 8.64 -8.93
C SER A 176 -8.40 7.77 -10.08
N LEU A 177 -9.17 6.71 -9.77
CA LEU A 177 -9.84 5.96 -10.80
C LEU A 177 -10.58 6.85 -11.80
N PHE A 178 -11.12 7.97 -11.34
CA PHE A 178 -11.93 8.80 -12.23
C PHE A 178 -11.12 9.69 -13.15
N SER A 179 -9.84 9.89 -12.87
CA SER A 179 -8.99 10.75 -13.70
C SER A 179 -7.88 10.04 -14.49
N LEU A 180 -7.53 8.81 -14.10
CA LEU A 180 -6.45 8.03 -14.74
C LEU A 180 -7.03 6.79 -15.42
N PRO A 181 -7.02 6.74 -16.74
CA PRO A 181 -7.70 5.65 -17.45
C PRO A 181 -7.14 4.27 -17.08
N ALA A 182 -8.03 3.33 -16.78
CA ALA A 182 -7.63 1.98 -16.36
C ALA A 182 -8.35 0.94 -17.25
N VAL A 183 -7.58 0.07 -17.90
CA VAL A 183 -8.12 -0.87 -18.86
C VAL A 183 -7.74 -2.30 -18.47
N ARG A 184 -8.73 -3.20 -18.55
CA ARG A 184 -8.56 -4.62 -18.24
C ARG A 184 -8.39 -5.41 -19.53
N VAL A 185 -7.42 -6.32 -19.52
CA VAL A 185 -7.13 -7.23 -20.63
C VAL A 185 -7.01 -8.64 -20.10
N PRO A 186 -7.44 -9.63 -20.87
CA PRO A 186 -7.36 -11.01 -20.39
C PRO A 186 -5.92 -11.55 -20.33
N SER A 187 -5.11 -11.18 -21.32
CA SER A 187 -3.81 -11.81 -21.49
C SER A 187 -2.88 -10.89 -22.29
N PRO A 188 -1.60 -11.23 -22.39
CA PRO A 188 -0.64 -10.32 -23.05
C PRO A 188 -0.95 -10.00 -24.50
N GLY A 189 -1.62 -10.90 -25.22
CA GLY A 189 -1.82 -10.78 -26.65
C GLY A 189 -2.42 -9.47 -27.13
N GLU A 190 -3.49 -9.04 -26.48
CA GLU A 190 -4.18 -7.82 -26.88
C GLU A 190 -3.27 -6.61 -26.64
N VAL A 191 -2.52 -6.64 -25.54
CA VAL A 191 -1.60 -5.54 -25.22
C VAL A 191 -0.51 -5.41 -26.26
N MET A 192 0.02 -6.54 -26.72
CA MET A 192 1.10 -6.55 -27.72
C MET A 192 0.64 -6.04 -29.07
N ASP A 193 -0.60 -6.36 -29.46
CA ASP A 193 -1.19 -5.85 -30.69
C ASP A 193 -1.24 -4.33 -30.66
N TRP A 194 -1.58 -3.79 -29.49
CA TRP A 194 -1.75 -2.36 -29.30
C TRP A 194 -0.38 -1.65 -29.29
N VAL A 195 0.60 -2.23 -28.60
CA VAL A 195 1.98 -1.71 -28.56
C VAL A 195 2.60 -1.67 -29.97
N GLU A 196 2.53 -2.76 -30.72
CA GLU A 196 3.10 -2.80 -32.07
C GLU A 196 2.45 -1.76 -32.98
N ALA A 197 1.15 -1.53 -32.79
CA ALA A 197 0.41 -0.52 -33.54
C ALA A 197 0.90 0.89 -33.20
N ARG A 198 1.13 1.17 -31.92
CA ARG A 198 1.68 2.45 -31.48
C ARG A 198 3.11 2.68 -31.96
N ARG A 199 3.92 1.61 -32.00
CA ARG A 199 5.29 1.65 -32.56
C ARG A 199 5.30 1.93 -34.04
N ALA A 200 4.29 1.44 -34.75
CA ALA A 200 4.23 1.59 -36.22
C ALA A 200 3.82 3.02 -36.57
N ALA A 201 2.92 3.59 -35.76
CA ALA A 201 2.51 4.99 -35.87
C ALA A 201 3.57 6.02 -35.36
N GLY A 202 4.67 5.56 -34.77
CA GLY A 202 5.80 6.44 -34.51
C GLY A 202 6.27 6.65 -33.08
N THR A 203 5.78 5.87 -32.11
CA THR A 203 6.16 5.98 -30.71
C THR A 203 6.83 4.69 -30.28
N PRO A 204 8.14 4.71 -30.08
CA PRO A 204 8.87 3.48 -29.76
C PRO A 204 8.78 3.08 -28.28
N ILE A 205 7.61 2.58 -27.89
CA ILE A 205 7.35 2.15 -26.51
C ILE A 205 8.23 0.96 -26.13
N VAL A 206 8.97 1.08 -25.02
CA VAL A 206 9.72 -0.07 -24.50
C VAL A 206 9.02 -0.71 -23.30
N LEU A 207 8.90 -2.03 -23.35
CA LEU A 207 8.37 -2.84 -22.24
C LEU A 207 9.43 -3.04 -21.19
N VAL A 208 9.19 -2.50 -20.00
CA VAL A 208 10.15 -2.58 -18.90
C VAL A 208 9.59 -3.36 -17.71
N GLY A 209 10.04 -4.60 -17.57
CA GLY A 209 9.67 -5.48 -16.47
C GLY A 209 10.38 -5.04 -15.19
N THR A 210 9.77 -5.36 -14.06
CA THR A 210 10.33 -5.00 -12.76
C THR A 210 10.50 -6.25 -11.97
N ASP A 211 11.64 -6.36 -11.32
CA ASP A 211 11.99 -7.53 -10.57
C ASP A 211 13.13 -7.24 -9.63
N GLU A 212 13.10 -7.80 -8.43
CA GLU A 212 14.18 -7.66 -7.46
C GLU A 212 15.55 -8.11 -7.99
N HIS A 213 15.54 -9.09 -8.88
CA HIS A 213 16.73 -9.69 -9.47
C HIS A 213 16.85 -9.27 -10.93
N GLY A 214 16.47 -8.03 -11.24
CA GLY A 214 16.45 -7.56 -12.62
C GLY A 214 17.84 -7.24 -13.16
N ASP A 215 17.89 -7.06 -14.48
CA ASP A 215 19.13 -6.95 -15.26
C ASP A 215 19.89 -5.67 -15.01
N CYS A 216 19.19 -4.61 -14.64
CA CYS A 216 19.86 -3.36 -14.32
C CYS A 216 19.12 -2.46 -13.34
N ASP A 217 19.89 -1.71 -12.56
CA ASP A 217 19.33 -0.85 -11.52
C ASP A 217 18.43 0.25 -12.12
N VAL A 218 17.32 0.49 -11.46
CA VAL A 218 16.29 1.41 -11.92
C VAL A 218 16.84 2.83 -12.26
N PHE A 219 17.85 3.28 -11.51
CA PHE A 219 18.49 4.57 -11.73
C PHE A 219 19.55 4.55 -12.84
N ASP A 220 19.94 3.35 -13.28
CA ASP A 220 20.77 3.20 -14.48
C ASP A 220 19.93 3.02 -15.77
N PHE A 221 18.61 3.08 -15.71
CA PHE A 221 17.77 2.94 -16.90
C PHE A 221 17.19 4.29 -17.35
N ASP A 222 16.96 4.41 -18.65
CA ASP A 222 16.52 5.66 -19.27
C ASP A 222 14.99 5.74 -19.34
N PHE A 223 14.38 6.38 -18.34
CA PHE A 223 12.92 6.51 -18.28
C PHE A 223 12.34 7.73 -19.02
N THR A 224 13.19 8.56 -19.64
CA THR A 224 12.70 9.67 -20.50
C THR A 224 12.06 9.17 -21.78
N GLN A 225 12.43 7.97 -22.21
CA GLN A 225 11.85 7.36 -23.40
C GLN A 225 10.43 6.83 -23.09
N PRO A 226 9.59 6.67 -24.11
CA PRO A 226 8.23 6.17 -23.90
C PRO A 226 8.27 4.77 -23.33
N THR A 227 7.55 4.55 -22.22
CA THR A 227 7.75 3.37 -21.37
C THR A 227 6.43 2.77 -20.92
N LEU A 228 6.33 1.44 -21.04
CA LEU A 228 5.30 0.65 -20.37
C LEU A 228 5.97 -0.19 -19.33
N LEU A 229 5.70 0.15 -18.08
CA LEU A 229 6.34 -0.48 -16.95
C LEU A 229 5.47 -1.61 -16.39
N LEU A 230 6.01 -2.83 -16.33
CA LEU A 230 5.31 -4.03 -15.89
C LEU A 230 5.57 -4.36 -14.42
N ILE A 231 4.49 -4.44 -13.63
CA ILE A 231 4.56 -4.72 -12.20
C ILE A 231 3.94 -6.09 -11.99
N GLY A 232 4.65 -6.98 -11.30
CA GLY A 232 4.18 -8.34 -11.12
C GLY A 232 3.26 -8.46 -9.93
N ASN A 233 2.77 -9.67 -9.69
CA ASN A 233 1.85 -9.89 -8.59
C ASN A 233 2.58 -10.31 -7.32
N GLU A 234 1.87 -10.23 -6.21
CA GLU A 234 2.41 -10.30 -4.86
C GLU A 234 3.13 -11.60 -4.54
N THR A 235 2.59 -12.74 -4.97
CA THR A 235 3.16 -14.04 -4.62
C THR A 235 3.99 -14.68 -5.75
N ALA A 236 3.71 -14.37 -7.01
CA ALA A 236 4.41 -14.98 -8.16
C ALA A 236 5.35 -14.05 -8.95
N GLY A 237 5.21 -12.74 -8.78
CA GLY A 237 5.94 -11.80 -9.61
C GLY A 237 5.35 -11.76 -11.00
N LEU A 238 6.08 -11.19 -11.95
CA LEU A 238 5.68 -11.23 -13.35
C LEU A 238 5.66 -12.66 -13.85
N SER A 239 4.69 -12.97 -14.70
CA SER A 239 4.59 -14.29 -15.34
C SER A 239 5.72 -14.47 -16.32
N ASN A 240 5.94 -15.71 -16.74
CA ASN A 240 7.01 -16.03 -17.65
C ASN A 240 6.74 -15.51 -19.05
N ALA A 241 5.47 -15.40 -19.42
CA ALA A 241 5.12 -14.81 -20.71
C ALA A 241 5.55 -13.33 -20.80
N TRP A 242 5.40 -12.57 -19.73
CA TRP A 242 5.74 -11.15 -19.76
C TRP A 242 7.24 -10.93 -19.67
N ARG A 243 7.94 -11.76 -18.89
CA ARG A 243 9.41 -11.72 -18.85
C ARG A 243 10.06 -12.01 -20.22
N THR A 244 9.39 -12.82 -21.02
CA THR A 244 9.78 -13.14 -22.38
C THR A 244 9.50 -12.01 -23.37
N LEU A 245 8.49 -11.19 -23.09
CA LEU A 245 8.13 -10.06 -23.94
C LEU A 245 8.88 -8.75 -23.60
N CYS A 246 9.49 -8.71 -22.41
CA CYS A 246 10.23 -7.55 -21.95
C CYS A 246 11.43 -7.21 -22.79
N ASP A 247 11.57 -5.94 -23.13
CA ASP A 247 12.80 -5.46 -23.73
C ASP A 247 13.90 -5.33 -22.69
N TYR A 248 13.52 -4.97 -21.46
CA TYR A 248 14.43 -4.86 -20.34
C TYR A 248 13.76 -5.14 -19.01
N THR A 249 14.58 -5.53 -18.05
CA THR A 249 14.17 -5.66 -16.67
C THR A 249 15.00 -4.76 -15.74
N VAL A 250 14.32 -4.13 -14.77
CA VAL A 250 14.94 -3.24 -13.80
C VAL A 250 14.57 -3.59 -12.36
N SER A 251 15.44 -3.14 -11.45
CA SER A 251 15.34 -3.53 -10.06
C SER A 251 15.69 -2.39 -9.13
N ILE A 252 14.88 -2.25 -8.08
CA ILE A 252 15.26 -1.54 -6.88
C ILE A 252 16.25 -2.40 -6.10
N PRO A 253 17.48 -1.92 -5.85
CA PRO A 253 18.39 -2.68 -4.98
C PRO A 253 17.87 -2.81 -3.55
N MET A 254 18.13 -3.96 -2.92
CA MET A 254 17.63 -4.24 -1.58
C MET A 254 18.78 -4.45 -0.58
N ALA A 255 18.42 -4.46 0.70
CA ALA A 255 19.37 -4.51 1.80
C ALA A 255 19.96 -5.91 1.99
N GLY A 256 19.13 -6.92 1.78
CA GLY A 256 19.62 -8.30 1.81
C GLY A 256 18.89 -9.21 0.85
N SER A 257 19.12 -10.51 1.02
CA SER A 257 18.33 -11.54 0.32
C SER A 257 17.03 -11.84 1.12
N ALA A 258 16.82 -11.13 2.23
CA ALA A 258 15.62 -11.31 3.07
C ALA A 258 14.41 -10.55 2.52
N SER A 259 14.16 -9.32 3.01
CA SER A 259 12.94 -8.64 2.62
C SER A 259 12.83 -8.52 1.09
N SER A 260 11.61 -8.20 0.64
CA SER A 260 11.26 -7.76 -0.74
C SER A 260 10.19 -6.65 -0.60
N LEU A 261 9.70 -6.06 -1.69
CA LEU A 261 8.71 -4.96 -1.60
C LEU A 261 7.30 -5.34 -2.06
N ASN A 262 6.27 -4.81 -1.38
CA ASN A 262 4.88 -4.83 -1.86
C ASN A 262 4.83 -4.21 -3.26
N ALA A 263 3.93 -4.67 -4.12
CA ALA A 263 3.92 -4.26 -5.53
C ALA A 263 3.59 -2.77 -5.74
N ALA A 264 2.66 -2.22 -4.95
CA ALA A 264 2.29 -0.81 -5.09
C ALA A 264 3.42 0.08 -4.62
N ASN A 265 4.07 -0.30 -3.52
CA ASN A 265 5.19 0.44 -3.00
C ASN A 265 6.30 0.44 -4.01
N ALA A 266 6.56 -0.70 -4.64
CA ALA A 266 7.65 -0.83 -5.60
C ALA A 266 7.34 0.03 -6.78
N ALA A 267 6.08 0.00 -7.20
CA ALA A 267 5.67 0.69 -8.40
C ALA A 267 5.74 2.19 -8.18
N THR A 268 5.46 2.61 -6.95
CA THR A 268 5.56 4.03 -6.60
C THR A 268 7.01 4.47 -6.62
N ALA A 269 7.92 3.65 -6.08
CA ALA A 269 9.33 4.00 -6.10
C ALA A 269 9.86 4.22 -7.52
N ILE A 270 9.40 3.40 -8.46
CA ILE A 270 9.95 3.38 -9.81
C ILE A 270 9.31 4.46 -10.68
N LEU A 271 8.01 4.63 -10.55
CA LEU A 271 7.35 5.81 -11.11
C LEU A 271 8.04 7.08 -10.63
N TYR A 272 8.32 7.17 -9.34
CA TYR A 272 9.05 8.34 -8.83
C TYR A 272 10.41 8.53 -9.54
N GLU A 273 11.11 7.43 -9.80
CA GLU A 273 12.41 7.50 -10.46
C GLU A 273 12.28 8.04 -11.86
N ALA A 274 11.25 7.61 -12.57
CA ALA A 274 10.95 8.14 -13.89
C ALA A 274 10.69 9.66 -13.83
N VAL A 275 9.89 10.08 -12.87
CA VAL A 275 9.62 11.50 -12.68
C VAL A 275 10.92 12.24 -12.43
N ARG A 276 11.80 11.70 -11.60
CA ARG A 276 13.04 12.42 -11.26
C ARG A 276 13.90 12.64 -12.50
N GLN A 277 14.06 11.61 -13.32
CA GLN A 277 14.87 11.71 -14.53
C GLN A 277 14.28 12.74 -15.50
N ARG A 278 12.96 12.79 -15.55
CA ARG A 278 12.25 13.64 -16.49
C ARG A 278 12.27 15.13 -16.14
N ILE A 279 12.37 15.49 -14.85
CA ILE A 279 12.72 16.87 -14.48
C ILE A 279 14.16 17.08 -15.01
N SER A 280 14.23 17.58 -16.25
CA SER A 280 15.28 17.22 -17.23
C SER A 280 16.69 17.12 -16.66
N GLY A 281 17.05 15.91 -16.25
CA GLY A 281 18.41 15.58 -15.85
C GLY A 281 18.60 15.33 -14.36
N ARG A 282 19.86 15.45 -13.94
CA ARG A 282 20.26 15.33 -12.52
C ARG A 282 21.65 16.00 -12.30
N ASN B 19 -12.64 -25.56 24.85
CA ASN B 19 -11.49 -24.63 24.67
C ASN B 19 -11.54 -23.50 25.69
N ALA B 20 -10.37 -23.10 26.21
CA ALA B 20 -10.24 -22.02 27.20
C ALA B 20 -9.01 -21.14 26.96
N ARG B 21 -7.84 -21.77 26.95
CA ARG B 21 -6.60 -21.09 26.60
C ARG B 21 -6.61 -20.72 25.11
N PHE B 22 -7.45 -21.43 24.36
CA PHE B 22 -7.79 -21.08 22.99
C PHE B 22 -8.46 -19.72 22.92
N GLN B 23 -9.37 -19.44 23.85
CA GLN B 23 -10.08 -18.16 23.89
C GLN B 23 -9.18 -16.98 24.33
N GLN B 24 -8.02 -17.27 24.92
CA GLN B 24 -7.05 -16.22 25.24
C GLN B 24 -6.27 -15.87 23.97
N TRP B 25 -6.05 -16.89 23.15
CA TRP B 25 -5.43 -16.74 21.85
C TRP B 25 -6.34 -15.97 20.87
N GLN B 26 -7.66 -16.12 21.04
CA GLN B 26 -8.64 -15.51 20.14
C GLN B 26 -8.81 -14.04 20.47
N ALA B 27 -8.62 -13.71 21.74
CA ALA B 27 -8.66 -12.34 22.22
C ALA B 27 -7.47 -11.52 21.72
N LEU B 28 -6.37 -12.21 21.42
CA LEU B 28 -5.18 -11.57 20.86
C LEU B 28 -5.38 -11.15 19.40
N LEU B 29 -6.22 -11.87 18.66
CA LEU B 29 -6.64 -11.43 17.31
C LEU B 29 -7.45 -10.14 17.41
N GLY B 30 -8.52 -10.16 18.19
CA GLY B 30 -9.30 -8.96 18.43
C GLY B 30 -8.59 -7.96 19.32
N ASN B 31 -9.28 -6.92 19.77
CA ASN B 31 -8.69 -5.77 20.50
C ASN B 31 -7.26 -5.87 21.09
N ARG B 32 -6.59 -4.72 21.12
CA ARG B 32 -5.20 -4.59 21.57
C ARG B 32 -5.04 -4.48 23.08
N ASN B 33 -6.14 -4.28 23.81
CA ASN B 33 -6.07 -4.18 25.26
C ASN B 33 -5.52 -5.47 25.82
N LYS B 34 -6.13 -6.59 25.46
CA LYS B 34 -5.66 -7.89 25.94
C LYS B 34 -4.24 -8.26 25.45
N ARG B 35 -3.90 -7.90 24.22
CA ARG B 35 -2.52 -8.10 23.70
C ARG B 35 -1.46 -7.44 24.58
N THR B 36 -1.76 -6.23 25.04
CA THR B 36 -0.85 -5.42 25.86
C THR B 36 -0.65 -5.99 27.27
N ARG B 37 -1.73 -6.48 27.89
CA ARG B 37 -1.66 -7.02 29.25
C ARG B 37 -0.91 -8.35 29.28
N ALA B 38 -1.10 -9.18 28.26
CA ALA B 38 -0.42 -10.46 28.17
C ALA B 38 1.03 -10.29 27.68
N GLY B 39 1.33 -9.16 27.06
CA GLY B 39 2.63 -8.94 26.46
C GLY B 39 2.97 -9.94 25.37
N GLU B 40 2.00 -10.28 24.51
CA GLU B 40 2.19 -11.25 23.44
C GLU B 40 1.14 -11.17 22.33
N PHE B 41 1.47 -11.75 21.18
CA PHE B 41 0.67 -11.59 19.95
C PHE B 41 0.79 -12.77 19.00
N LEU B 42 -0.13 -12.80 18.02
CA LEU B 42 -0.21 -13.90 17.06
C LEU B 42 0.56 -13.60 15.79
N VAL B 43 1.25 -14.62 15.28
CA VAL B 43 2.04 -14.57 14.06
C VAL B 43 1.76 -15.84 13.27
N MET B 44 1.42 -15.72 12.00
CA MET B 44 1.12 -16.89 11.19
C MET B 44 2.03 -17.03 9.99
N GLY B 45 2.31 -18.28 9.62
CA GLY B 45 3.12 -18.62 8.46
C GLY B 45 4.47 -19.18 8.86
N VAL B 46 4.87 -20.27 8.22
CA VAL B 46 6.20 -20.83 8.50
C VAL B 46 7.29 -19.74 8.33
N ARG B 47 7.20 -18.92 7.29
CA ARG B 47 8.26 -17.95 7.01
C ARG B 47 8.36 -16.87 8.10
N PRO B 48 7.28 -16.16 8.42
CA PRO B 48 7.30 -15.22 9.56
C PRO B 48 7.79 -15.83 10.88
N ILE B 49 7.32 -17.03 11.28
CA ILE B 49 7.78 -17.64 12.54
C ILE B 49 9.29 -17.89 12.52
N SER B 50 9.82 -18.31 11.38
CA SER B 50 11.24 -18.67 11.31
C SER B 50 12.11 -17.43 11.48
N LEU B 51 11.65 -16.32 10.92
CA LEU B 51 12.33 -15.03 11.09
C LEU B 51 12.33 -14.62 12.57
N ALA B 52 11.23 -14.88 13.27
CA ALA B 52 11.11 -14.58 14.69
C ALA B 52 12.07 -15.40 15.53
N VAL B 53 12.25 -16.66 15.14
CA VAL B 53 13.12 -17.57 15.87
C VAL B 53 14.56 -17.15 15.64
N GLU B 54 14.85 -16.79 14.40
CA GLU B 54 16.20 -16.48 13.96
C GLU B 54 16.71 -15.15 14.55
N HIS B 55 15.79 -14.23 14.82
CA HIS B 55 16.18 -12.91 15.34
C HIS B 55 15.96 -12.81 16.85
N GLY B 56 15.95 -13.96 17.53
CA GLY B 56 15.97 -14.00 18.98
C GLY B 56 14.66 -13.69 19.71
N TRP B 57 13.55 -13.61 18.98
CA TRP B 57 12.24 -13.37 19.60
C TRP B 57 11.75 -14.65 20.27
N PRO B 58 11.33 -14.61 21.53
CA PRO B 58 10.81 -15.80 22.21
C PRO B 58 9.48 -16.30 21.64
N VAL B 59 9.28 -17.61 21.65
CA VAL B 59 8.05 -18.24 21.19
C VAL B 59 7.51 -19.11 22.33
N ARG B 60 6.50 -18.63 23.06
CA ARG B 60 5.96 -19.40 24.19
C ARG B 60 5.13 -20.59 23.72
N THR B 61 4.45 -20.46 22.58
CA THR B 61 3.55 -21.50 22.09
C THR B 61 3.55 -21.61 20.57
N LEU B 62 3.33 -22.82 20.07
CA LEU B 62 3.36 -23.09 18.65
C LEU B 62 2.21 -23.99 18.26
N LEU B 63 1.23 -23.43 17.55
CA LEU B 63 0.00 -24.14 17.17
C LEU B 63 0.09 -24.67 15.74
N TYR B 64 -0.43 -25.88 15.50
CA TYR B 64 -0.28 -26.52 14.18
C TYR B 64 -1.40 -27.49 13.81
N ASP B 65 -1.79 -27.46 12.55
CA ASP B 65 -2.84 -28.31 11.99
C ASP B 65 -2.54 -29.80 12.15
N ARG B 68 -4.22 -31.82 8.11
CA ARG B 68 -3.21 -32.85 8.31
C ARG B 68 -2.02 -32.72 7.34
N GLU B 69 -2.17 -31.92 6.29
CA GLU B 69 -1.11 -31.66 5.28
C GLU B 69 0.32 -31.60 5.85
N LEU B 70 0.70 -30.44 6.38
CA LEU B 70 2.04 -30.15 6.91
C LEU B 70 3.17 -30.19 5.85
N SER B 71 3.71 -29.00 5.57
CA SER B 71 4.81 -28.78 4.62
C SER B 71 6.12 -29.36 5.12
N LYS B 72 7.15 -29.30 4.28
CA LYS B 72 8.50 -29.69 4.71
C LYS B 72 9.04 -28.66 5.72
N TRP B 73 8.84 -27.38 5.41
CA TRP B 73 9.19 -26.27 6.28
C TRP B 73 8.49 -26.32 7.66
N ALA B 74 7.17 -26.58 7.67
CA ALA B 74 6.42 -26.67 8.93
C ALA B 74 6.91 -27.82 9.82
N ARG B 75 7.19 -28.96 9.20
CA ARG B 75 7.76 -30.14 9.88
C ARG B 75 9.09 -29.79 10.55
N GLU B 76 10.01 -29.20 9.77
CA GLU B 76 11.33 -28.79 10.26
C GLU B 76 11.20 -27.78 11.40
N LEU B 77 10.14 -26.97 11.37
CA LEU B 77 9.86 -26.01 12.43
C LEU B 77 9.59 -26.72 13.75
N LEU B 78 8.77 -27.77 13.69
CA LEU B 78 8.41 -28.48 14.91
C LEU B 78 9.63 -29.09 15.60
N ARG B 79 10.47 -29.79 14.85
CA ARG B 79 11.60 -30.49 15.47
C ARG B 79 12.87 -29.65 15.65
N THR B 80 12.70 -28.33 15.63
CA THR B 80 13.80 -27.38 15.80
C THR B 80 13.47 -26.32 16.87
N VAL B 81 12.25 -25.80 16.85
CA VAL B 81 11.82 -24.83 17.85
C VAL B 81 11.33 -25.59 19.09
N ARG B 82 12.16 -25.59 20.14
CA ARG B 82 11.88 -26.37 21.35
C ARG B 82 11.08 -25.57 22.38
N THR B 83 9.77 -25.53 22.17
CA THR B 83 8.82 -24.82 23.03
C THR B 83 7.49 -25.58 23.09
N GLU B 84 6.51 -25.07 23.82
CA GLU B 84 5.21 -25.72 23.89
C GLU B 84 4.62 -25.88 22.48
N GLN B 85 4.35 -27.12 22.08
CA GLN B 85 3.80 -27.42 20.77
C GLN B 85 2.46 -28.16 20.86
N ILE B 86 1.41 -27.55 20.33
CA ILE B 86 0.03 -28.01 20.50
C ILE B 86 -0.66 -28.23 19.16
N ALA B 87 -1.22 -29.42 18.96
CA ALA B 87 -2.02 -29.71 17.76
C ALA B 87 -3.44 -29.15 17.86
N MET B 88 -4.00 -28.75 16.71
CA MET B 88 -5.36 -28.21 16.63
C MET B 88 -6.08 -28.77 15.41
N ALA B 89 -7.40 -28.88 15.53
CA ALA B 89 -8.24 -29.24 14.38
C ALA B 89 -8.21 -28.09 13.35
N PRO B 90 -8.39 -28.41 12.06
CA PRO B 90 -8.48 -27.40 11.01
C PRO B 90 -9.51 -26.31 11.31
N ASP B 91 -10.69 -26.73 11.80
CA ASP B 91 -11.74 -25.82 12.20
C ASP B 91 -11.22 -24.59 12.94
N LEU B 92 -10.49 -24.83 14.04
CA LEU B 92 -10.17 -23.79 15.03
C LEU B 92 -9.05 -22.81 14.66
N LEU B 93 -8.23 -23.15 13.66
CA LEU B 93 -7.08 -22.32 13.30
C LEU B 93 -7.44 -20.89 12.85
N MET B 94 -8.67 -20.68 12.39
CA MET B 94 -9.17 -19.31 12.18
C MET B 94 -9.61 -18.69 13.51
N PRO B 103 -5.85 -19.00 4.82
CA PRO B 103 -6.08 -19.98 5.90
C PRO B 103 -4.79 -20.75 6.23
N PRO B 104 -4.19 -20.48 7.40
CA PRO B 104 -2.81 -20.90 7.69
C PRO B 104 -2.67 -22.34 8.21
N GLU B 105 -1.45 -22.88 8.12
CA GLU B 105 -1.13 -24.20 8.67
C GLU B 105 -0.30 -24.15 9.97
N VAL B 106 0.30 -23.00 10.29
CA VAL B 106 0.98 -22.81 11.58
C VAL B 106 0.78 -21.41 12.13
N VAL B 107 0.62 -21.33 13.45
CA VAL B 107 0.45 -20.07 14.19
C VAL B 107 1.27 -20.08 15.47
N ALA B 108 1.91 -18.94 15.79
CA ALA B 108 2.76 -18.82 16.98
C ALA B 108 2.31 -17.68 17.91
N VAL B 109 2.29 -17.97 19.20
CA VAL B 109 2.16 -16.94 20.23
C VAL B 109 3.57 -16.43 20.52
N VAL B 110 3.83 -15.14 20.27
CA VAL B 110 5.18 -14.59 20.31
C VAL B 110 5.31 -13.49 21.38
N GLU B 111 6.46 -13.47 22.07
CA GLU B 111 6.72 -12.51 23.14
C GLU B 111 6.98 -11.13 22.57
N MET B 112 6.09 -10.20 22.92
CA MET B 112 6.14 -8.80 22.55
C MET B 112 7.25 -8.09 23.37
N PRO B 113 8.26 -7.49 22.73
CA PRO B 113 9.36 -6.83 23.47
C PRO B 113 8.93 -5.53 24.10
N ALA B 114 9.77 -4.97 24.97
CA ALA B 114 9.49 -3.65 25.54
C ALA B 114 9.77 -2.59 24.48
N ASP B 115 9.07 -1.47 24.61
CA ASP B 115 9.22 -0.33 23.71
C ASP B 115 10.41 0.55 24.13
N ASP B 116 11.62 0.04 23.91
CA ASP B 116 12.84 0.74 24.22
C ASP B 116 13.41 1.35 22.94
N LEU B 117 13.65 2.66 22.94
CA LEU B 117 14.24 3.35 21.78
C LEU B 117 15.69 2.93 21.47
N ASP B 118 16.38 2.34 22.43
CA ASP B 118 17.74 1.86 22.20
C ASP B 118 17.81 0.51 21.45
N ARG B 119 16.65 -0.08 21.14
CA ARG B 119 16.58 -1.25 20.25
C ARG B 119 16.93 -0.88 18.82
N ILE B 120 16.70 0.39 18.48
CA ILE B 120 17.13 0.96 17.23
C ILE B 120 18.59 1.34 17.38
N PRO B 121 19.49 0.73 16.61
CA PRO B 121 20.91 1.09 16.66
C PRO B 121 21.18 2.34 15.82
N VAL B 122 21.96 3.27 16.36
CA VAL B 122 22.26 4.52 15.68
C VAL B 122 23.77 4.60 15.42
N ARG B 123 24.11 4.68 14.14
CA ARG B 123 25.48 4.75 13.69
C ARG B 123 25.58 5.90 12.69
N GLU B 124 26.75 6.10 12.12
CA GLU B 124 27.00 7.27 11.29
C GLU B 124 26.10 7.32 10.03
N ASP B 125 25.59 6.16 9.62
CA ASP B 125 24.75 6.04 8.44
C ASP B 125 23.26 5.94 8.78
N PHE B 126 22.86 6.55 9.89
CA PHE B 126 21.52 6.36 10.41
C PHE B 126 20.46 6.67 9.37
N LEU B 127 19.46 5.80 9.28
CA LEU B 127 18.30 6.04 8.45
C LEU B 127 17.14 5.39 9.18
N GLY B 128 16.24 6.24 9.67
CA GLY B 128 15.12 5.79 10.46
C GLY B 128 13.84 6.42 9.96
N VAL B 129 12.72 5.96 10.48
CA VAL B 129 11.41 6.43 10.06
C VAL B 129 10.55 6.64 11.30
N LEU B 130 9.86 7.77 11.36
CA LEU B 130 8.85 7.99 12.37
C LEU B 130 7.54 8.09 11.64
N PHE B 131 6.51 7.43 12.15
CA PHE B 131 5.16 7.41 11.58
C PHE B 131 4.23 8.10 12.58
N ASP B 132 3.82 9.32 12.25
CA ASP B 132 3.06 10.17 13.16
C ASP B 132 1.54 9.89 13.22
N ARG B 133 1.12 9.26 14.32
CA ARG B 133 -0.29 9.02 14.63
C ARG B 133 -1.09 8.20 13.59
N PRO B 134 -0.53 7.12 13.07
CA PRO B 134 -1.20 6.35 12.00
C PRO B 134 -2.51 5.71 12.46
N THR B 135 -3.55 5.79 11.64
CA THR B 135 -4.80 5.07 11.87
C THR B 135 -4.89 3.72 11.15
N SER B 136 -4.01 3.46 10.18
CA SER B 136 -4.03 2.20 9.40
C SER B 136 -2.94 1.21 9.88
N PRO B 137 -3.31 0.10 10.51
CA PRO B 137 -2.31 -0.91 10.87
C PRO B 137 -1.62 -1.47 9.63
N GLY B 138 -2.38 -1.77 8.59
CA GLY B 138 -1.83 -2.16 7.31
C GLY B 138 -0.68 -1.27 6.87
N ASN B 139 -0.82 0.04 7.02
CA ASN B 139 0.21 0.97 6.61
C ASN B 139 1.48 0.85 7.47
N ILE B 140 1.34 0.61 8.76
CA ILE B 140 2.50 0.40 9.61
C ILE B 140 3.32 -0.76 9.07
N GLY B 141 2.65 -1.89 8.83
CA GLY B 141 3.32 -3.07 8.36
C GLY B 141 4.08 -2.79 7.09
N SER B 142 3.42 -2.09 6.18
CA SER B 142 4.00 -1.74 4.90
C SER B 142 5.27 -0.94 5.11
N ILE B 143 5.25 0.03 6.04
CA ILE B 143 6.44 0.84 6.26
C ILE B 143 7.59 -0.03 6.74
N ILE B 144 7.30 -0.99 7.62
CA ILE B 144 8.35 -1.85 8.19
C ILE B 144 8.98 -2.68 7.10
N ARG B 145 8.14 -3.25 6.23
CA ARG B 145 8.64 -4.04 5.10
C ARG B 145 9.58 -3.22 4.25
N SER B 146 9.16 -2.00 3.91
CA SER B 146 9.93 -1.12 3.06
C SER B 146 11.20 -0.64 3.71
N ALA B 147 11.15 -0.29 4.99
CA ALA B 147 12.35 0.18 5.69
C ALA B 147 13.39 -0.95 5.86
N ASP B 148 12.90 -2.15 6.12
CA ASP B 148 13.73 -3.35 6.17
C ASP B 148 14.39 -3.59 4.82
N ALA B 149 13.60 -3.56 3.75
CA ALA B 149 14.09 -3.92 2.43
C ALA B 149 15.09 -2.91 1.83
N LEU B 150 14.95 -1.64 2.20
CA LEU B 150 15.74 -0.57 1.61
C LEU B 150 16.85 -0.12 2.56
N GLY B 151 17.16 -0.98 3.53
CA GLY B 151 18.26 -0.72 4.46
C GLY B 151 18.14 0.32 5.58
N ALA B 152 16.94 0.79 5.90
CA ALA B 152 16.73 1.62 7.11
C ALA B 152 16.91 0.80 8.39
N HIS B 153 17.08 1.47 9.52
CA HIS B 153 17.52 0.82 10.77
C HIS B 153 16.43 0.67 11.84
N GLY B 154 15.31 1.36 11.68
CA GLY B 154 14.25 1.31 12.67
C GLY B 154 13.08 2.21 12.35
N LEU B 155 11.94 1.89 12.95
CA LEU B 155 10.72 2.67 12.81
C LEU B 155 10.25 3.09 14.19
N ILE B 156 9.70 4.30 14.27
CA ILE B 156 9.03 4.80 15.46
C ILE B 156 7.55 5.04 15.13
N VAL B 157 6.65 4.42 15.88
CA VAL B 157 5.23 4.75 15.81
C VAL B 157 4.90 5.75 16.93
N ALA B 158 4.67 7.01 16.59
CA ALA B 158 4.49 8.07 17.61
C ALA B 158 3.04 8.40 17.92
N GLY B 159 2.75 8.67 19.18
CA GLY B 159 1.43 9.15 19.59
C GLY B 159 0.31 8.12 19.61
N HIS B 160 -0.92 8.63 19.75
CA HIS B 160 -2.13 7.81 19.65
C HIS B 160 -2.17 7.18 18.26
N ALA B 161 -1.89 5.88 18.19
CA ALA B 161 -1.73 5.18 16.93
C ALA B 161 -2.46 3.83 16.91
N ALA B 162 -2.65 3.26 15.73
CA ALA B 162 -3.00 1.85 15.57
C ALA B 162 -1.80 0.98 15.99
N ASP B 163 -2.09 -0.28 16.29
CA ASP B 163 -1.13 -1.16 16.95
C ASP B 163 -0.19 -1.81 15.94
N VAL B 164 1.12 -1.67 16.17
CA VAL B 164 2.13 -2.42 15.45
C VAL B 164 1.83 -3.93 15.48
N TYR B 165 1.30 -4.41 16.60
CA TYR B 165 1.03 -5.83 16.81
C TYR B 165 -0.37 -6.30 16.40
N ASP B 166 -1.15 -5.39 15.82
CA ASP B 166 -2.38 -5.72 15.12
C ASP B 166 -2.06 -6.70 13.98
N PRO B 167 -2.88 -7.72 13.77
CA PRO B 167 -2.61 -8.71 12.72
C PRO B 167 -2.45 -8.16 11.31
N LYS B 168 -3.11 -7.05 10.97
CA LYS B 168 -2.98 -6.47 9.63
C LYS B 168 -1.58 -5.90 9.46
N SER B 169 -1.03 -5.37 10.54
CA SER B 169 0.35 -4.88 10.57
C SER B 169 1.35 -6.03 10.46
N VAL B 170 1.18 -7.07 11.29
CA VAL B 170 2.06 -8.25 11.28
C VAL B 170 2.08 -8.88 9.88
N ARG B 171 0.91 -9.29 9.38
CA ARG B 171 0.75 -9.80 8.02
C ARG B 171 1.45 -8.96 6.92
N SER B 172 1.18 -7.67 6.84
CA SER B 172 1.71 -6.83 5.74
C SER B 172 3.18 -6.43 5.90
N SER B 173 3.74 -6.56 7.10
CA SER B 173 5.19 -6.50 7.31
C SER B 173 5.93 -7.68 6.67
N THR B 174 5.22 -8.81 6.52
CA THR B 174 5.74 -10.00 5.85
C THR B 174 6.97 -10.58 6.56
N GLY B 175 7.04 -10.45 7.89
CA GLY B 175 8.18 -10.93 8.67
C GLY B 175 9.31 -9.94 8.93
N SER B 176 9.27 -8.79 8.29
CA SER B 176 10.24 -7.71 8.53
C SER B 176 10.15 -7.18 9.94
N LEU B 177 9.01 -7.36 10.58
CA LEU B 177 8.79 -6.87 11.92
C LEU B 177 9.90 -7.32 12.82
N PHE B 178 10.34 -8.57 12.61
CA PHE B 178 11.35 -9.22 13.43
C PHE B 178 12.79 -8.80 13.15
N SER B 179 13.07 -8.35 11.93
CA SER B 179 14.41 -7.88 11.58
C SER B 179 14.57 -6.37 11.67
N LEU B 180 13.46 -5.63 11.65
CA LEU B 180 13.50 -4.17 11.67
C LEU B 180 12.75 -3.76 12.93
N PRO B 181 13.45 -3.26 13.95
CA PRO B 181 12.80 -2.88 15.21
C PRO B 181 11.78 -1.73 15.10
N ALA B 182 10.50 -2.04 15.32
CA ALA B 182 9.46 -1.02 15.42
C ALA B 182 9.19 -0.75 16.89
N VAL B 183 9.39 0.51 17.30
CA VAL B 183 9.20 0.96 18.70
C VAL B 183 8.02 1.94 18.84
N ARG B 184 7.13 1.70 19.82
CA ARG B 184 5.95 2.53 20.04
C ARG B 184 6.22 3.58 21.11
N VAL B 185 5.89 4.84 20.83
CA VAL B 185 6.20 5.96 21.74
C VAL B 185 5.07 7.02 21.83
N PRO B 186 4.13 6.85 22.75
CA PRO B 186 3.08 7.86 23.01
C PRO B 186 3.46 9.35 22.96
N SER B 187 4.57 9.76 23.55
CA SER B 187 4.91 11.20 23.59
C SER B 187 6.00 11.56 22.57
N PRO B 188 5.83 12.69 21.87
CA PRO B 188 6.86 13.16 20.92
C PRO B 188 8.05 13.79 21.66
N GLY B 189 7.85 14.14 22.93
CA GLY B 189 8.90 14.66 23.77
C GLY B 189 9.93 13.61 24.11
N GLU B 190 9.49 12.36 24.30
CA GLU B 190 10.39 11.23 24.56
C GLU B 190 11.27 10.88 23.34
N VAL B 191 10.75 11.08 22.13
CA VAL B 191 11.56 10.91 20.93
C VAL B 191 12.68 11.95 20.86
N MET B 192 12.37 13.20 21.22
CA MET B 192 13.37 14.28 21.20
C MET B 192 14.49 14.09 22.21
N ASP B 193 14.19 13.49 23.36
CA ASP B 193 15.20 13.22 24.38
C ASP B 193 16.22 12.20 23.84
N TRP B 194 15.72 11.16 23.16
CA TRP B 194 16.58 10.14 22.55
C TRP B 194 17.41 10.76 21.42
N VAL B 195 16.76 11.50 20.53
CA VAL B 195 17.44 12.15 19.39
C VAL B 195 18.55 13.05 19.87
N GLU B 196 18.25 13.92 20.83
CA GLU B 196 19.24 14.85 21.38
C GLU B 196 20.40 14.10 22.05
N ALA B 197 20.11 12.94 22.64
CA ALA B 197 21.15 12.12 23.27
C ALA B 197 22.01 11.43 22.21
N ARG B 198 21.42 11.01 21.10
CA ARG B 198 22.19 10.48 19.98
C ARG B 198 23.09 11.57 19.43
N ARG B 199 22.59 12.80 19.39
CA ARG B 199 23.37 13.94 18.91
C ARG B 199 24.60 14.15 19.78
N ALA B 200 24.47 13.95 21.09
CA ALA B 200 25.55 14.20 22.06
C ALA B 200 26.73 13.22 21.94
N ALA B 201 26.45 11.98 21.58
CA ALA B 201 27.48 11.08 21.04
C ALA B 201 27.55 11.40 19.56
N GLY B 202 28.63 12.04 19.11
CA GLY B 202 28.70 12.63 17.77
C GLY B 202 27.99 11.92 16.63
N THR B 203 26.69 12.16 16.48
CA THR B 203 25.86 11.58 15.42
C THR B 203 24.79 12.60 15.03
N PRO B 204 25.08 13.49 14.07
CA PRO B 204 24.23 14.66 13.81
C PRO B 204 22.94 14.36 13.03
N ILE B 205 22.00 13.74 13.72
CA ILE B 205 20.72 13.34 13.12
C ILE B 205 19.92 14.57 12.74
N VAL B 206 19.45 14.64 11.51
CA VAL B 206 18.56 15.72 11.11
C VAL B 206 17.17 15.11 11.00
N LEU B 207 16.16 15.83 11.49
CA LEU B 207 14.77 15.43 11.32
C LEU B 207 14.24 15.99 10.01
N VAL B 208 13.74 15.10 9.17
CA VAL B 208 13.26 15.47 7.84
C VAL B 208 11.80 15.12 7.71
N GLY B 209 10.93 16.12 7.86
CA GLY B 209 9.52 15.96 7.62
C GLY B 209 9.23 15.74 6.14
N THR B 210 8.09 15.13 5.84
CA THR B 210 7.65 14.96 4.46
C THR B 210 6.26 15.53 4.27
N ASP B 211 6.02 16.11 3.10
CA ASP B 211 4.76 16.78 2.80
C ASP B 211 4.62 17.15 1.32
N GLU B 212 3.41 17.02 0.77
CA GLU B 212 3.10 17.38 -0.64
C GLU B 212 3.59 18.73 -1.12
N HIS B 213 3.61 19.72 -0.22
CA HIS B 213 3.88 21.11 -0.60
C HIS B 213 5.06 21.69 0.20
N GLY B 214 6.01 20.84 0.53
CA GLY B 214 7.20 21.25 1.26
C GLY B 214 8.13 22.21 0.52
N ASP B 215 9.19 22.59 1.26
CA ASP B 215 10.10 23.69 0.88
C ASP B 215 11.30 23.23 0.03
N CYS B 216 11.32 21.95 -0.30
CA CYS B 216 12.52 21.34 -0.84
C CYS B 216 12.16 20.01 -1.52
N ASP B 217 12.45 19.90 -2.82
CA ASP B 217 12.28 18.65 -3.54
C ASP B 217 13.13 17.52 -2.92
N VAL B 218 12.56 16.33 -2.89
CA VAL B 218 13.16 15.23 -2.18
C VAL B 218 14.55 14.86 -2.73
N PHE B 219 14.77 15.08 -4.02
CA PHE B 219 16.06 14.74 -4.66
C PHE B 219 17.16 15.82 -4.52
N ASP B 220 16.78 17.00 -4.01
CA ASP B 220 17.74 18.05 -3.68
C ASP B 220 18.23 17.99 -2.23
N PHE B 221 17.82 16.99 -1.45
CA PHE B 221 18.20 16.97 -0.04
C PHE B 221 19.30 15.93 0.15
N ASP B 222 20.14 16.13 1.14
CA ASP B 222 21.30 15.28 1.33
C ASP B 222 20.97 14.11 2.28
N PHE B 223 20.44 13.04 1.72
CA PHE B 223 20.15 11.83 2.50
C PHE B 223 21.39 10.98 2.87
N THR B 224 22.61 11.45 2.56
CA THR B 224 23.82 10.75 3.05
C THR B 224 24.14 11.08 4.50
N GLN B 225 23.47 12.07 5.06
CA GLN B 225 23.61 12.35 6.47
C GLN B 225 22.69 11.42 7.25
N PRO B 226 22.99 11.25 8.53
CA PRO B 226 22.10 10.53 9.45
C PRO B 226 20.71 11.20 9.50
N THR B 227 19.67 10.42 9.24
CA THR B 227 18.35 10.97 8.93
C THR B 227 17.25 10.22 9.64
N LEU B 228 16.35 10.96 10.32
CA LEU B 228 15.07 10.46 10.80
C LEU B 228 13.99 11.07 9.94
N LEU B 229 13.34 10.25 9.13
CA LEU B 229 12.32 10.68 8.17
C LEU B 229 10.92 10.64 8.82
N LEU B 230 10.27 11.79 8.93
CA LEU B 230 8.94 11.86 9.57
C LEU B 230 7.83 11.71 8.53
N ILE B 231 6.98 10.69 8.70
CA ILE B 231 5.90 10.35 7.77
C ILE B 231 4.56 10.63 8.45
N GLY B 232 3.69 11.40 7.79
CA GLY B 232 2.43 11.78 8.40
C GLY B 232 1.28 10.78 8.29
N ASN B 233 0.21 11.12 8.98
CA ASN B 233 -1.11 10.49 8.92
C ASN B 233 -1.67 10.43 7.51
N GLU B 234 -2.63 9.53 7.32
CA GLU B 234 -3.37 9.39 6.08
C GLU B 234 -4.35 10.57 5.84
N THR B 235 -5.01 11.09 6.88
CA THR B 235 -5.97 12.20 6.71
C THR B 235 -5.46 13.59 7.17
N ALA B 236 -4.78 13.65 8.31
CA ALA B 236 -4.01 14.84 8.67
C ALA B 236 -2.65 14.64 8.06
N GLY B 237 -1.84 15.68 7.98
CA GLY B 237 -0.47 15.44 7.55
C GLY B 237 0.34 14.98 8.74
N LEU B 238 1.58 15.43 8.82
CA LEU B 238 2.32 15.47 10.07
C LEU B 238 1.62 16.46 11.00
N SER B 239 1.64 16.18 12.31
CA SER B 239 1.13 17.13 13.27
C SER B 239 1.95 18.41 13.15
N ASN B 240 1.43 19.52 13.67
CA ASN B 240 2.13 20.80 13.62
C ASN B 240 3.26 20.84 14.66
N ALA B 241 3.14 20.03 15.69
CA ALA B 241 4.23 19.84 16.64
C ALA B 241 5.46 19.17 15.99
N TRP B 242 5.27 18.35 14.95
CA TRP B 242 6.39 17.71 14.25
C TRP B 242 6.98 18.59 13.15
N ARG B 243 6.15 19.40 12.51
CA ARG B 243 6.63 20.38 11.51
C ARG B 243 7.54 21.46 12.10
N THR B 244 7.32 21.83 13.36
CA THR B 244 8.18 22.82 14.04
C THR B 244 9.57 22.26 14.37
N LEU B 245 9.62 20.98 14.76
CA LEU B 245 10.86 20.35 15.17
C LEU B 245 11.68 19.86 13.99
N CYS B 246 11.08 19.94 12.80
CA CYS B 246 11.79 19.53 11.59
C CYS B 246 12.83 20.55 11.19
N ASP B 247 14.01 20.05 10.86
CA ASP B 247 15.07 20.85 10.32
C ASP B 247 14.74 21.20 8.87
N TYR B 248 14.23 20.20 8.14
CA TYR B 248 13.85 20.38 6.74
C TYR B 248 12.58 19.62 6.44
N THR B 249 11.83 20.08 5.44
CA THR B 249 10.65 19.37 4.99
C THR B 249 10.72 19.16 3.47
N VAL B 250 10.63 17.89 3.03
CA VAL B 250 10.79 17.53 1.62
C VAL B 250 9.51 17.00 0.96
N SER B 251 9.47 17.11 -0.36
CA SER B 251 8.29 16.71 -1.10
C SER B 251 8.63 15.98 -2.39
N ILE B 252 7.77 15.04 -2.76
CA ILE B 252 7.83 14.39 -4.06
C ILE B 252 6.99 15.19 -5.02
N PRO B 253 7.56 15.68 -6.13
CA PRO B 253 6.76 16.44 -7.10
C PRO B 253 5.56 15.64 -7.62
N MET B 254 4.43 16.34 -7.70
CA MET B 254 3.15 15.74 -8.00
C MET B 254 2.63 16.35 -9.29
N ALA B 255 1.75 15.64 -9.99
CA ALA B 255 1.19 16.13 -11.26
C ALA B 255 0.17 17.24 -11.07
N GLY B 256 -0.64 17.16 -10.02
CA GLY B 256 -1.72 18.14 -9.86
C GLY B 256 -2.23 18.45 -8.47
N SER B 257 -3.17 19.40 -8.42
CA SER B 257 -3.91 19.78 -7.21
C SER B 257 -4.67 18.60 -6.59
N ALA B 258 -5.42 17.87 -7.42
CA ALA B 258 -6.27 16.76 -6.97
C ALA B 258 -5.51 15.52 -6.46
N SER B 259 -4.23 15.40 -6.82
CA SER B 259 -3.45 14.21 -6.49
C SER B 259 -2.71 14.30 -5.16
N SER B 260 -2.57 13.15 -4.48
CA SER B 260 -1.56 12.93 -3.40
C SER B 260 -1.22 11.42 -3.20
N LEU B 261 -0.25 11.12 -2.35
CA LEU B 261 0.18 9.74 -2.14
C LEU B 261 -0.21 9.15 -0.78
N ASN B 262 -0.43 7.84 -0.77
CA ASN B 262 -0.61 7.05 0.44
C ASN B 262 0.69 7.07 1.25
N ALA B 263 0.58 7.02 2.59
CA ALA B 263 1.74 7.15 3.47
C ALA B 263 2.83 6.15 3.17
N ALA B 264 2.46 4.88 3.06
CA ALA B 264 3.41 3.80 2.83
C ALA B 264 4.11 3.88 1.47
N ASN B 265 3.37 4.30 0.44
CA ASN B 265 3.92 4.44 -0.91
C ASN B 265 4.90 5.60 -1.00
N ALA B 266 4.50 6.72 -0.40
CA ALA B 266 5.31 7.93 -0.41
C ALA B 266 6.62 7.67 0.32
N ALA B 267 6.52 6.93 1.42
CA ALA B 267 7.66 6.72 2.32
C ALA B 267 8.64 5.76 1.67
N THR B 268 8.11 4.73 1.02
CA THR B 268 8.89 3.81 0.19
C THR B 268 9.74 4.55 -0.84
N ALA B 269 9.13 5.50 -1.55
CA ALA B 269 9.77 6.27 -2.59
C ALA B 269 10.90 7.18 -2.07
N ILE B 270 10.72 7.74 -0.87
CA ILE B 270 11.72 8.64 -0.26
C ILE B 270 12.88 7.81 0.29
N LEU B 271 12.57 6.75 1.02
CA LEU B 271 13.57 5.78 1.41
C LEU B 271 14.37 5.33 0.18
N TYR B 272 13.69 5.11 -0.95
CA TYR B 272 14.40 4.68 -2.15
C TYR B 272 15.36 5.77 -2.63
N GLU B 273 14.92 7.02 -2.63
CA GLU B 273 15.78 8.15 -2.99
C GLU B 273 17.03 8.21 -2.14
N ALA B 274 16.87 7.84 -0.87
CA ALA B 274 17.99 7.89 0.08
C ALA B 274 19.00 6.86 -0.32
N VAL B 275 18.53 5.65 -0.62
CA VAL B 275 19.40 4.56 -1.02
C VAL B 275 20.12 4.98 -2.29
N ARG B 276 19.43 5.65 -3.20
CA ARG B 276 20.02 5.99 -4.47
C ARG B 276 21.16 6.95 -4.30
N GLN B 277 21.00 7.92 -3.42
CA GLN B 277 22.05 8.92 -3.21
C GLN B 277 23.22 8.23 -2.56
N ARG B 278 22.93 7.40 -1.58
CA ARG B 278 23.98 6.74 -0.79
C ARG B 278 24.82 5.83 -1.68
N ILE B 279 24.17 5.17 -2.61
CA ILE B 279 24.86 4.36 -3.60
C ILE B 279 25.53 5.20 -4.69
N SER B 280 24.89 6.28 -5.14
CA SER B 280 25.40 7.15 -6.23
C SER B 280 26.66 7.91 -5.88
N GLY B 281 26.74 8.43 -4.66
CA GLY B 281 27.80 9.36 -4.27
C GLY B 281 27.32 10.76 -3.93
N SAM C . 8.47 -12.92 -7.32
CA SAM C . 8.66 -12.48 -5.93
C SAM C . 8.71 -13.73 -5.05
O SAM C . 9.73 -14.44 -5.13
OXT SAM C . 7.75 -14.02 -4.31
CB SAM C . 7.59 -11.50 -5.38
CG SAM C . 7.28 -10.28 -6.24
SD SAM C . 7.04 -8.68 -5.35
CE SAM C . 6.32 -9.11 -3.76
C5' SAM C . 5.68 -7.91 -6.27
C4' SAM C . 6.14 -7.05 -7.45
O4' SAM C . 6.65 -5.82 -6.99
C3' SAM C . 7.28 -7.61 -8.30
O3' SAM C . 6.83 -8.47 -9.30
C2' SAM C . 7.88 -6.38 -8.89
O2' SAM C . 7.13 -5.92 -9.98
C1' SAM C . 7.76 -5.41 -7.76
N9 SAM C . 8.98 -5.41 -6.95
C8 SAM C . 9.12 -5.79 -5.64
N7 SAM C . 10.39 -5.61 -5.23
C5 SAM C . 11.09 -5.08 -6.26
C6 SAM C . 12.42 -4.70 -6.40
N6 SAM C . 13.30 -4.85 -5.42
N1 SAM C . 12.84 -4.22 -7.61
C2 SAM C . 11.94 -4.11 -8.66
N3 SAM C . 10.62 -4.48 -8.54
C4 SAM C . 10.21 -4.96 -7.35
N SAM D . -0.95 16.37 4.61
CA SAM D . -2.03 16.08 3.67
C SAM D . -3.20 17.03 3.94
O SAM D . -3.00 18.18 4.40
OXT SAM D . -4.36 16.67 3.73
CB SAM D . -2.46 14.58 3.61
CG SAM D . -1.49 13.50 4.08
SD SAM D . -0.83 12.34 2.82
CE SAM D . -2.31 11.47 2.26
C5' SAM D . -0.03 11.09 3.87
C4' SAM D . 1.46 11.24 4.17
O4' SAM D . 2.26 10.67 3.13
C3' SAM D . 1.97 12.67 4.36
O3' SAM D . 2.00 13.01 5.70
C2' SAM D . 3.38 12.64 3.78
O2' SAM D . 4.32 12.22 4.73
C1' SAM D . 3.31 11.55 2.75
N9 SAM D . 3.13 12.09 1.39
C8 SAM D . 2.09 11.92 0.52
N7 SAM D . 2.39 12.57 -0.64
C5 SAM D . 3.61 13.14 -0.51
C6 SAM D . 4.39 13.91 -1.35
N6 SAM D . 4.00 14.24 -2.58
N1 SAM D . 5.61 14.36 -0.89
C2 SAM D . 6.06 14.04 0.37
N3 SAM D . 5.27 13.28 1.20
C4 SAM D . 4.08 12.84 0.76
#